data_4NV4
#
_entry.id   4NV4
#
_cell.length_a   80.225
_cell.length_b   80.225
_cell.length_c   174.250
_cell.angle_alpha   90.00
_cell.angle_beta   90.00
_cell.angle_gamma   120.00
#
_symmetry.space_group_name_H-M   'P 63 2 2'
#
loop_
_entity.id
_entity.type
_entity.pdbx_description
1 polymer 'Signal peptidase I'
2 non-polymer 'TETRAETHYLENE GLYCOL'
3 non-polymer DI(HYDROXYETHYL)ETHER
4 non-polymer 1,2-ETHANEDIOL
5 water water
#
_entity_poly.entity_id   1
_entity_poly.type   'polypeptide(L)'
_entity_poly.pdbx_seq_one_letter_code
;MHHHHHHSSGVDLGTENLYFQSNAVEGKSMMPTLQDGNMLVVNKVSYHVGDLNRFDVVVFHANKKEDYVKRIIGLPGDHI
EYKHDKLYVNGQFVDEPYLETYKKEIDGRQLTGDFKLEELTKEKSVPPGYIFVVGDNRLGSWDSRHFGFVKADTVVGKVD
LRYWPIQDVQTNFSKG
;
_entity_poly.pdbx_strand_id   A,B
#
loop_
_chem_comp.id
_chem_comp.type
_chem_comp.name
_chem_comp.formula
EDO non-polymer 1,2-ETHANEDIOL 'C2 H6 O2'
PEG non-polymer DI(HYDROXYETHYL)ETHER 'C4 H10 O3'
PG4 non-polymer 'TETRAETHYLENE GLYCOL' 'C8 H18 O5'
#
# COMPACT_ATOMS: atom_id res chain seq x y z
N HIS A 48 7.39 -29.83 38.77
CA HIS A 48 7.64 -30.30 37.36
C HIS A 48 8.85 -31.23 37.32
N VAL A 49 9.92 -30.88 38.03
CA VAL A 49 11.12 -31.72 38.05
C VAL A 49 10.85 -33.02 38.84
N GLY A 50 9.93 -32.95 39.81
CA GLY A 50 9.55 -34.13 40.64
C GLY A 50 9.06 -35.35 39.87
N ASP A 51 8.45 -35.14 38.72
CA ASP A 51 7.97 -36.23 37.86
C ASP A 51 9.08 -36.72 36.89
N LEU A 52 10.23 -36.10 36.92
CA LEU A 52 11.32 -36.52 36.01
C LEU A 52 12.28 -37.42 36.74
N ASN A 53 12.74 -38.48 36.05
CA ASN A 53 13.72 -39.40 36.61
C ASN A 53 14.99 -39.43 35.77
N ARG A 54 16.12 -39.69 36.43
CA ARG A 54 17.32 -39.87 35.67
C ARG A 54 17.09 -41.01 34.72
N PHE A 55 17.60 -40.83 33.52
CA PHE A 55 17.55 -41.80 32.43
C PHE A 55 16.25 -41.83 31.65
N ASP A 56 15.29 -41.00 32.04
CA ASP A 56 14.06 -40.80 31.22
C ASP A 56 14.49 -40.07 29.96
N VAL A 57 13.85 -40.41 28.85
CA VAL A 57 14.03 -39.70 27.59
C VAL A 57 12.89 -38.72 27.56
N VAL A 58 13.24 -37.45 27.39
CA VAL A 58 12.26 -36.40 27.41
C VAL A 58 12.24 -35.54 26.16
N VAL A 59 11.06 -34.98 25.90
CA VAL A 59 10.93 -33.99 24.86
C VAL A 59 10.87 -32.65 25.56
N PHE A 60 11.68 -31.69 25.09
CA PHE A 60 11.65 -30.34 25.68
C PHE A 60 11.61 -29.34 24.58
N HIS A 61 10.95 -28.23 24.90
CA HIS A 61 10.70 -27.15 23.94
C HIS A 61 11.71 -26.05 24.15
N ALA A 62 12.31 -25.59 23.06
CA ALA A 62 13.28 -24.52 23.12
C ALA A 62 12.85 -23.40 22.18
N ASN A 63 12.79 -22.15 22.65
N ASN A 63 12.86 -22.19 22.71
CA ASN A 63 12.35 -21.04 21.77
CA ASN A 63 12.57 -21.00 21.96
C ASN A 63 13.50 -20.31 21.06
C ASN A 63 13.86 -20.65 21.23
N LYS A 64 13.95 -20.88 19.95
N LYS A 64 13.78 -20.62 19.91
CA LYS A 64 15.05 -20.31 19.20
CA LYS A 64 14.91 -20.32 19.06
C LYS A 64 14.60 -19.05 18.43
C LYS A 64 14.57 -19.01 18.36
N LYS A 65 14.72 -17.91 19.10
CA LYS A 65 14.34 -16.60 18.57
C LYS A 65 15.43 -16.10 17.66
N GLU A 66 15.06 -15.41 16.59
CA GLU A 66 16.09 -14.87 15.75
C GLU A 66 15.62 -13.62 15.03
N ASP A 67 16.57 -12.73 14.79
CA ASP A 67 16.33 -11.48 14.04
C ASP A 67 16.76 -11.71 12.57
N TYR A 68 15.89 -11.29 11.63
N TYR A 68 15.94 -11.25 11.62
CA TYR A 68 16.10 -11.37 10.19
CA TYR A 68 16.22 -11.36 10.21
C TYR A 68 16.20 -9.96 9.64
C TYR A 68 16.10 -9.99 9.56
N VAL A 69 16.82 -9.79 8.46
CA VAL A 69 16.88 -8.49 7.79
C VAL A 69 16.41 -8.65 6.37
N LYS A 70 15.36 -7.94 5.99
CA LYS A 70 14.80 -8.03 4.64
C LYS A 70 14.19 -6.71 4.24
N ARG A 71 13.93 -6.55 2.97
CA ARG A 71 13.31 -5.34 2.46
C ARG A 71 11.79 -5.46 2.28
N ILE A 72 11.06 -4.45 2.75
CA ILE A 72 9.62 -4.44 2.52
C ILE A 72 9.31 -4.16 1.05
N ILE A 73 8.61 -5.09 0.40
CA ILE A 73 8.15 -4.93 -0.96
C ILE A 73 6.64 -4.61 -0.99
N GLY A 74 5.88 -5.25 -0.12
CA GLY A 74 4.46 -5.01 -0.05
C GLY A 74 4.00 -4.63 1.36
N LEU A 75 3.10 -3.64 1.39
CA LEU A 75 2.44 -3.17 2.59
C LEU A 75 1.00 -3.64 2.48
N PRO A 76 0.22 -3.53 3.57
CA PRO A 76 -1.15 -4.00 3.55
C PRO A 76 -1.94 -3.47 2.38
N GLY A 77 -2.65 -4.36 1.72
CA GLY A 77 -3.45 -4.04 0.57
C GLY A 77 -2.77 -4.17 -0.76
N ASP A 78 -1.45 -4.33 -0.77
CA ASP A 78 -0.73 -4.40 -2.01
C ASP A 78 -0.81 -5.75 -2.70
N HIS A 79 -0.92 -5.72 -4.02
CA HIS A 79 -0.72 -6.90 -4.83
C HIS A 79 0.70 -6.77 -5.36
N ILE A 80 1.43 -7.91 -5.39
CA ILE A 80 2.79 -7.94 -5.87
C ILE A 80 2.90 -8.97 -6.98
N GLU A 81 3.59 -8.61 -8.05
CA GLU A 81 3.89 -9.54 -9.12
C GLU A 81 5.28 -9.24 -9.63
N TYR A 82 6.03 -10.31 -9.90
CA TYR A 82 7.29 -10.20 -10.61
C TYR A 82 7.10 -10.92 -11.95
N LYS A 83 7.49 -10.24 -13.01
CA LYS A 83 7.42 -10.82 -14.33
C LYS A 83 8.65 -10.32 -15.06
N HIS A 84 9.44 -11.26 -15.54
CA HIS A 84 10.63 -10.94 -16.29
C HIS A 84 11.58 -9.97 -15.57
N ASP A 85 11.78 -10.23 -14.27
CA ASP A 85 12.67 -9.44 -13.41
C ASP A 85 12.21 -8.04 -13.11
N LYS A 86 10.92 -7.78 -13.32
CA LYS A 86 10.33 -6.49 -13.04
C LYS A 86 9.26 -6.62 -12.02
N LEU A 87 9.31 -5.71 -11.06
CA LEU A 87 8.32 -5.62 -9.99
C LEU A 87 7.13 -4.78 -10.41
N TYR A 88 5.94 -5.30 -10.12
CA TYR A 88 4.70 -4.59 -10.29
C TYR A 88 4.00 -4.60 -8.95
N VAL A 89 3.77 -3.40 -8.39
CA VAL A 89 3.03 -3.24 -7.15
C VAL A 89 1.66 -2.63 -7.55
N ASN A 90 0.59 -3.35 -7.27
CA ASN A 90 -0.75 -2.94 -7.68
C ASN A 90 -0.80 -2.67 -9.19
N GLY A 91 -0.10 -3.50 -9.93
CA GLY A 91 -0.09 -3.45 -11.38
C GLY A 91 0.85 -2.42 -12.00
N GLN A 92 1.50 -1.59 -11.18
CA GLN A 92 2.41 -0.56 -11.66
C GLN A 92 3.85 -0.97 -11.53
N PHE A 93 4.60 -0.82 -12.63
CA PHE A 93 6.02 -1.11 -12.55
C PHE A 93 6.73 -0.20 -11.55
N VAL A 94 7.61 -0.81 -10.76
CA VAL A 94 8.44 -0.05 -9.83
C VAL A 94 9.88 -0.48 -9.99
N ASP A 95 10.76 0.48 -10.28
CA ASP A 95 12.18 0.20 -10.46
C ASP A 95 12.83 -0.16 -9.12
N GLU A 96 13.84 -1.02 -9.13
CA GLU A 96 14.54 -1.46 -7.92
C GLU A 96 16.06 -1.28 -8.11
N PRO A 97 16.55 -0.05 -7.90
CA PRO A 97 17.97 0.24 -8.16
C PRO A 97 18.91 -0.54 -7.30
N TYR A 98 18.46 -0.90 -6.11
CA TYR A 98 19.27 -1.65 -5.16
C TYR A 98 19.53 -3.06 -5.65
N LEU A 99 18.88 -3.49 -6.74
CA LEU A 99 19.12 -4.85 -7.23
C LEU A 99 20.10 -4.90 -8.39
N GLU A 100 20.51 -3.74 -8.87
CA GLU A 100 21.36 -3.70 -10.09
C GLU A 100 22.66 -4.48 -9.96
N THR A 101 23.28 -4.39 -8.78
CA THR A 101 24.55 -5.08 -8.54
C THR A 101 24.30 -6.58 -8.52
N TYR A 102 23.18 -7.01 -7.94
CA TYR A 102 22.87 -8.44 -7.92
C TYR A 102 22.51 -8.95 -9.32
N LYS A 103 21.82 -8.15 -10.12
CA LYS A 103 21.52 -8.55 -11.49
C LYS A 103 22.81 -8.63 -12.35
N LYS A 104 23.70 -7.65 -12.18
N LYS A 104 23.71 -7.66 -12.19
CA LYS A 104 24.98 -7.58 -12.90
CA LYS A 104 24.98 -7.60 -12.93
C LYS A 104 25.79 -8.86 -12.71
C LYS A 104 25.80 -8.88 -12.72
N GLU A 105 25.88 -9.30 -11.46
CA GLU A 105 26.63 -10.47 -11.05
C GLU A 105 26.19 -11.77 -11.67
N ILE A 106 24.94 -11.88 -12.09
CA ILE A 106 24.46 -13.15 -12.64
C ILE A 106 24.33 -13.26 -14.16
N ASP A 107 24.98 -12.33 -14.86
CA ASP A 107 25.15 -12.45 -16.31
C ASP A 107 23.92 -12.73 -17.18
N GLY A 108 22.98 -11.80 -17.24
CA GLY A 108 21.80 -11.98 -18.09
C GLY A 108 20.72 -12.90 -17.56
N ARG A 109 21.01 -13.56 -16.45
CA ARG A 109 20.07 -14.49 -15.86
C ARG A 109 19.09 -13.69 -14.99
N GLN A 110 17.91 -14.26 -14.80
CA GLN A 110 16.86 -13.63 -14.02
C GLN A 110 17.11 -13.75 -12.52
N LEU A 111 17.10 -12.62 -11.84
CA LEU A 111 17.36 -12.56 -10.41
C LEU A 111 16.19 -13.02 -9.57
N THR A 112 15.00 -12.46 -9.86
CA THR A 112 13.82 -12.82 -9.12
C THR A 112 12.93 -13.67 -10.00
N GLY A 113 12.62 -14.87 -9.54
CA GLY A 113 11.70 -15.73 -10.27
C GLY A 113 10.33 -15.10 -10.41
N ASP A 114 9.66 -15.39 -11.51
CA ASP A 114 8.33 -14.84 -11.72
C ASP A 114 7.35 -15.38 -10.71
N PHE A 115 6.40 -14.53 -10.28
CA PHE A 115 5.28 -15.00 -9.48
C PHE A 115 4.25 -13.92 -9.35
N LYS A 116 3.01 -14.34 -9.13
CA LYS A 116 1.96 -13.43 -8.71
C LYS A 116 1.76 -13.79 -7.24
N LEU A 117 1.48 -12.80 -6.41
CA LEU A 117 1.34 -13.01 -4.99
C LEU A 117 0.43 -14.19 -4.66
N GLU A 118 -0.72 -14.25 -5.34
CA GLU A 118 -1.71 -15.28 -5.08
C GLU A 118 -1.25 -16.71 -5.42
N GLU A 119 -0.20 -16.83 -6.23
CA GLU A 119 0.38 -18.13 -6.56
C GLU A 119 1.29 -18.63 -5.44
N LEU A 120 1.82 -17.71 -4.63
CA LEU A 120 2.69 -18.11 -3.53
C LEU A 120 1.97 -18.12 -2.21
N THR A 121 1.04 -17.21 -2.00
CA THR A 121 0.39 -17.12 -0.69
C THR A 121 -1.07 -17.45 -0.62
N LYS A 122 -1.73 -17.53 -1.76
CA LYS A 122 -3.16 -17.82 -1.77
C LYS A 122 -3.97 -16.60 -1.37
N GLU A 123 -3.31 -15.51 -1.05
CA GLU A 123 -4.02 -14.30 -0.74
C GLU A 123 -3.63 -13.41 -1.87
N LYS A 124 -4.57 -12.58 -2.31
CA LYS A 124 -4.32 -11.72 -3.45
C LYS A 124 -3.73 -10.34 -3.11
N SER A 125 -3.71 -10.01 -1.83
N SER A 125 -3.69 -10.02 -1.82
CA SER A 125 -3.11 -8.77 -1.38
CA SER A 125 -3.13 -8.77 -1.36
C SER A 125 -2.54 -9.00 0.00
C SER A 125 -2.50 -9.04 -0.01
N VAL A 126 -1.55 -8.20 0.36
CA VAL A 126 -0.91 -8.30 1.68
C VAL A 126 -2.02 -8.03 2.71
N PRO A 127 -2.18 -8.95 3.67
CA PRO A 127 -3.23 -8.73 4.64
C PRO A 127 -2.98 -7.58 5.61
N PRO A 128 -4.07 -6.96 6.12
CA PRO A 128 -3.92 -5.92 7.12
C PRO A 128 -3.05 -6.40 8.28
N GLY A 129 -2.15 -5.55 8.76
CA GLY A 129 -1.30 -5.87 9.88
C GLY A 129 -0.03 -6.60 9.51
N TYR A 130 0.15 -6.91 8.21
CA TYR A 130 1.28 -7.68 7.71
C TYR A 130 2.06 -6.97 6.61
N ILE A 131 3.24 -7.52 6.33
CA ILE A 131 4.10 -7.03 5.30
C ILE A 131 4.64 -8.21 4.49
N PHE A 132 5.06 -7.90 3.26
CA PHE A 132 5.65 -8.89 2.35
C PHE A 132 7.10 -8.44 2.12
N VAL A 133 8.05 -9.23 2.60
CA VAL A 133 9.44 -8.87 2.55
C VAL A 133 10.21 -9.81 1.64
N VAL A 134 11.24 -9.26 1.04
CA VAL A 134 12.10 -9.98 0.11
C VAL A 134 13.54 -9.52 0.33
N GLY A 135 14.48 -10.44 0.35
CA GLY A 135 15.89 -10.09 0.50
C GLY A 135 16.47 -9.61 -0.79
N ASP A 136 17.39 -8.66 -0.71
CA ASP A 136 18.01 -8.13 -1.92
C ASP A 136 18.79 -9.21 -2.66
N ASN A 137 19.40 -10.11 -1.90
N ASN A 137 19.46 -10.09 -1.93
CA ASN A 137 20.18 -11.23 -2.48
CA ASN A 137 20.20 -11.20 -2.56
C ASN A 137 19.17 -12.31 -2.88
C ASN A 137 19.16 -12.27 -2.87
N ARG A 138 18.37 -11.99 -3.90
CA ARG A 138 17.21 -12.81 -4.26
C ARG A 138 17.42 -14.29 -4.41
N LEU A 139 18.48 -14.69 -5.05
CA LEU A 139 18.71 -16.14 -5.28
C LEU A 139 19.19 -16.89 -4.03
N GLY A 140 19.59 -16.16 -3.00
CA GLY A 140 20.11 -16.75 -1.76
C GLY A 140 19.33 -16.35 -0.53
N SER A 141 18.11 -15.84 -0.72
CA SER A 141 17.32 -15.35 0.39
C SER A 141 16.08 -16.16 0.65
N TRP A 142 15.89 -16.54 1.91
CA TRP A 142 14.64 -17.10 2.37
C TRP A 142 13.83 -15.89 2.80
N ASP A 143 12.63 -15.74 2.27
CA ASP A 143 11.83 -14.58 2.58
C ASP A 143 10.32 -14.85 2.42
N SER A 144 9.48 -13.81 2.25
CA SER A 144 8.04 -14.00 2.18
C SER A 144 7.61 -14.84 0.98
N ARG A 145 8.48 -14.97 0.00
CA ARG A 145 8.19 -15.83 -1.11
C ARG A 145 8.13 -17.28 -0.67
N HIS A 146 8.77 -17.56 0.47
CA HIS A 146 8.85 -18.90 0.97
C HIS A 146 8.02 -19.13 2.23
N PHE A 147 8.03 -18.15 3.14
CA PHE A 147 7.33 -18.30 4.41
C PHE A 147 6.14 -17.39 4.58
N GLY A 148 5.75 -16.70 3.53
CA GLY A 148 4.57 -15.86 3.58
C GLY A 148 4.74 -14.53 4.31
N PHE A 149 3.60 -13.99 4.73
CA PHE A 149 3.62 -12.65 5.27
C PHE A 149 4.17 -12.57 6.67
N VAL A 150 4.81 -11.46 6.97
CA VAL A 150 5.38 -11.19 8.28
C VAL A 150 4.50 -10.19 9.03
N LYS A 151 4.18 -10.47 10.29
N LYS A 151 4.21 -10.46 10.30
CA LYS A 151 3.36 -9.55 11.05
CA LYS A 151 3.39 -9.54 11.06
C LYS A 151 4.16 -8.28 11.36
C LYS A 151 4.18 -8.28 11.36
N ALA A 152 3.57 -7.14 11.07
CA ALA A 152 4.24 -5.86 11.23
C ALA A 152 4.73 -5.62 12.64
N ASP A 153 4.01 -6.11 13.64
CA ASP A 153 4.42 -5.85 15.02
C ASP A 153 5.62 -6.66 15.45
N THR A 154 6.16 -7.49 14.56
CA THR A 154 7.39 -8.23 14.84
C THR A 154 8.63 -7.45 14.31
N VAL A 155 8.41 -6.34 13.63
CA VAL A 155 9.51 -5.50 13.16
C VAL A 155 10.07 -4.74 14.38
N VAL A 156 11.37 -4.87 14.61
CA VAL A 156 12.03 -4.26 15.76
C VAL A 156 12.90 -3.05 15.40
N GLY A 157 13.17 -2.86 14.12
CA GLY A 157 13.91 -1.70 13.68
C GLY A 157 14.05 -1.53 12.19
N LYS A 158 14.45 -0.34 11.80
CA LYS A 158 14.67 -0.01 10.42
C LYS A 158 16.15 0.14 10.26
N VAL A 159 16.65 -0.27 9.12
CA VAL A 159 18.05 -0.21 8.84
C VAL A 159 18.40 0.99 7.97
N ASP A 160 19.40 1.73 8.38
CA ASP A 160 19.92 2.85 7.59
C ASP A 160 21.08 2.25 6.83
N LEU A 161 20.86 1.97 5.55
CA LEU A 161 21.84 1.28 4.74
C LEU A 161 22.78 2.35 4.13
N ARG A 162 24.07 2.16 4.32
CA ARG A 162 25.07 3.14 3.86
C ARG A 162 25.93 2.62 2.72
N ASP B 51 -42.97 -21.69 -3.35
CA ASP B 51 -41.93 -21.17 -2.40
C ASP B 51 -42.25 -19.77 -1.87
N LEU B 52 -42.42 -18.83 -2.78
CA LEU B 52 -42.80 -17.46 -2.44
C LEU B 52 -44.33 -17.36 -2.55
N ASN B 53 -44.96 -16.84 -1.50
CA ASN B 53 -46.41 -16.70 -1.50
C ASN B 53 -46.82 -15.23 -1.58
N ARG B 54 -48.06 -15.00 -1.98
CA ARG B 54 -48.54 -13.65 -2.07
C ARG B 54 -48.59 -13.11 -0.65
N PHE B 55 -48.17 -11.87 -0.51
CA PHE B 55 -48.10 -11.12 0.74
C PHE B 55 -46.89 -11.45 1.59
N ASP B 56 -46.01 -12.34 1.12
CA ASP B 56 -44.72 -12.52 1.79
C ASP B 56 -43.92 -11.24 1.63
N VAL B 57 -43.12 -10.92 2.63
CA VAL B 57 -42.22 -9.79 2.60
C VAL B 57 -40.84 -10.40 2.22
N VAL B 58 -40.21 -9.84 1.20
CA VAL B 58 -38.97 -10.34 0.72
C VAL B 58 -37.88 -9.27 0.71
N VAL B 59 -36.65 -9.75 0.73
CA VAL B 59 -35.46 -8.91 0.64
C VAL B 59 -34.75 -9.21 -0.68
N PHE B 60 -34.34 -8.15 -1.36
CA PHE B 60 -33.55 -8.30 -2.57
C PHE B 60 -32.63 -7.12 -2.68
N HIS B 61 -31.59 -7.25 -3.52
CA HIS B 61 -30.62 -6.16 -3.65
C HIS B 61 -30.52 -5.67 -5.06
N ALA B 62 -29.94 -4.49 -5.22
CA ALA B 62 -29.68 -3.98 -6.57
C ALA B 62 -28.36 -3.28 -6.50
N ASN B 63 -27.69 -3.21 -7.64
CA ASN B 63 -26.44 -2.48 -7.72
C ASN B 63 -26.71 -1.19 -8.46
N LYS B 64 -26.16 -0.09 -7.97
CA LYS B 64 -26.31 1.14 -8.72
C LYS B 64 -24.89 1.65 -9.02
N LYS B 65 -24.68 2.11 -10.24
CA LYS B 65 -23.38 2.61 -10.68
C LYS B 65 -23.30 4.10 -10.40
N GLU B 66 -22.19 4.55 -9.80
CA GLU B 66 -21.99 5.95 -9.46
C GLU B 66 -20.83 6.48 -10.32
N ASP B 67 -20.90 7.75 -10.71
CA ASP B 67 -19.86 8.39 -11.53
C ASP B 67 -19.17 9.44 -10.70
N TYR B 68 -17.83 9.48 -10.76
CA TYR B 68 -17.05 10.43 -10.07
C TYR B 68 -16.12 11.17 -11.01
N VAL B 69 -16.02 12.47 -10.81
CA VAL B 69 -15.12 13.31 -11.57
C VAL B 69 -14.30 14.07 -10.54
N LYS B 70 -13.00 13.80 -10.48
CA LYS B 70 -12.15 14.37 -9.43
C LYS B 70 -10.76 14.66 -9.97
N ARG B 71 -10.00 15.47 -9.26
CA ARG B 71 -8.68 15.88 -9.71
C ARG B 71 -7.59 15.11 -8.94
N ILE B 72 -6.56 14.70 -9.65
CA ILE B 72 -5.43 14.01 -9.06
C ILE B 72 -4.57 15.03 -8.31
N ILE B 73 -4.49 14.84 -7.01
CA ILE B 73 -3.62 15.66 -6.13
C ILE B 73 -2.36 14.91 -5.76
N GLY B 74 -2.50 13.62 -5.48
CA GLY B 74 -1.38 12.76 -5.13
C GLY B 74 -1.17 11.62 -6.10
N LEU B 75 0.04 11.53 -6.59
CA LEU B 75 0.48 10.43 -7.44
C LEU B 75 1.25 9.41 -6.58
N PRO B 76 1.49 8.21 -7.13
CA PRO B 76 2.25 7.22 -6.40
C PRO B 76 3.55 7.74 -5.78
N GLY B 77 3.73 7.45 -4.50
CA GLY B 77 4.91 7.85 -3.76
C GLY B 77 4.76 9.18 -3.05
N ASP B 78 3.75 9.97 -3.41
CA ASP B 78 3.61 11.31 -2.80
C ASP B 78 3.07 11.29 -1.40
N HIS B 79 3.58 12.23 -0.59
CA HIS B 79 2.98 12.53 0.71
C HIS B 79 2.19 13.81 0.41
N ILE B 80 0.99 13.89 0.95
CA ILE B 80 0.13 15.03 0.76
C ILE B 80 -0.26 15.59 2.11
N GLU B 81 -0.23 16.92 2.20
CA GLU B 81 -0.71 17.59 3.37
C GLU B 81 -1.36 18.90 2.95
N TYR B 82 -2.50 19.18 3.57
CA TYR B 82 -3.09 20.51 3.50
C TYR B 82 -2.97 21.18 4.84
N LYS B 83 -2.42 22.38 4.84
CA LYS B 83 -2.34 23.17 6.07
C LYS B 83 -2.66 24.61 5.74
N HIS B 84 -3.61 25.17 6.48
CA HIS B 84 -4.01 26.56 6.28
C HIS B 84 -4.39 26.86 4.85
N ASP B 85 -5.10 25.93 4.24
CA ASP B 85 -5.63 26.04 2.89
C ASP B 85 -4.57 25.95 1.77
N LYS B 86 -3.39 25.45 2.12
CA LYS B 86 -2.30 25.29 1.17
C LYS B 86 -1.88 23.83 1.06
N LEU B 87 -1.65 23.41 -0.18
CA LEU B 87 -1.18 22.08 -0.53
C LEU B 87 0.35 21.97 -0.46
N TYR B 88 0.81 20.89 0.18
CA TYR B 88 2.21 20.51 0.26
C TYR B 88 2.34 19.08 -0.27
N VAL B 89 3.07 18.93 -1.36
CA VAL B 89 3.37 17.65 -1.96
C VAL B 89 4.82 17.37 -1.58
N ASN B 90 5.03 16.33 -0.77
CA ASN B 90 6.35 15.94 -0.27
C ASN B 90 7.01 17.13 0.45
N GLY B 91 6.21 17.82 1.25
CA GLY B 91 6.64 18.96 2.05
C GLY B 91 6.84 20.26 1.32
N GLN B 92 6.52 20.30 0.03
CA GLN B 92 6.74 21.51 -0.76
C GLN B 92 5.42 22.11 -1.19
N PHE B 93 5.26 23.40 -0.95
CA PHE B 93 4.06 24.07 -1.36
C PHE B 93 3.83 23.97 -2.87
N VAL B 94 2.58 23.67 -3.24
CA VAL B 94 2.17 23.63 -4.65
C VAL B 94 0.94 24.51 -4.82
N ASP B 95 1.05 25.52 -5.67
CA ASP B 95 -0.05 26.43 -5.92
C ASP B 95 -1.14 25.74 -6.74
N GLU B 96 -2.40 26.11 -6.50
CA GLU B 96 -3.56 25.48 -7.14
C GLU B 96 -4.47 26.56 -7.75
N PRO B 97 -4.08 27.08 -8.94
CA PRO B 97 -4.86 28.22 -9.47
C PRO B 97 -6.30 27.87 -9.81
N TYR B 98 -6.55 26.61 -10.15
CA TYR B 98 -7.89 26.10 -10.48
C TYR B 98 -8.87 26.23 -9.32
N LEU B 99 -8.39 26.46 -8.11
CA LEU B 99 -9.30 26.62 -6.98
C LEU B 99 -9.66 28.08 -6.71
N GLU B 100 -9.03 29.02 -7.39
CA GLU B 100 -9.29 30.43 -7.04
C GLU B 100 -10.77 30.82 -7.12
N THR B 101 -11.49 30.34 -8.12
CA THR B 101 -12.93 30.66 -8.22
C THR B 101 -13.72 30.16 -7.01
N TYR B 102 -13.42 28.95 -6.54
CA TYR B 102 -14.09 28.41 -5.35
C TYR B 102 -13.72 29.19 -4.08
N LYS B 103 -12.46 29.59 -3.98
CA LYS B 103 -12.00 30.39 -2.84
C LYS B 103 -12.68 31.77 -2.85
N LYS B 104 -12.72 32.38 -4.03
CA LYS B 104 -13.38 33.70 -4.18
C LYS B 104 -14.85 33.65 -3.80
N GLU B 105 -15.47 32.53 -4.14
N GLU B 105 -15.51 32.56 -4.14
CA GLU B 105 -16.87 32.27 -3.85
CA GLU B 105 -16.94 32.42 -3.83
C GLU B 105 -17.18 32.30 -2.34
C GLU B 105 -17.21 32.30 -2.32
N ILE B 106 -16.20 31.95 -1.52
CA ILE B 106 -16.38 31.95 -0.06
C ILE B 106 -15.51 33.08 0.57
N ASP B 107 -15.21 34.12 -0.21
CA ASP B 107 -14.45 35.32 0.24
C ASP B 107 -13.13 35.03 0.90
N GLY B 108 -12.44 33.99 0.45
CA GLY B 108 -11.16 33.69 1.02
C GLY B 108 -11.22 32.87 2.30
N ARG B 109 -12.40 32.45 2.73
CA ARG B 109 -12.48 31.57 3.91
C ARG B 109 -11.84 30.22 3.52
N GLN B 110 -11.56 29.38 4.52
CA GLN B 110 -10.83 28.15 4.27
C GLN B 110 -11.63 27.14 3.44
N LEU B 111 -11.09 26.78 2.30
CA LEU B 111 -11.77 25.90 1.34
C LEU B 111 -11.52 24.42 1.61
N THR B 112 -10.25 24.10 1.87
CA THR B 112 -9.85 22.73 2.14
C THR B 112 -9.40 22.58 3.57
N GLY B 113 -10.10 21.74 4.32
CA GLY B 113 -9.79 21.49 5.71
C GLY B 113 -8.39 20.90 5.86
N ASP B 114 -7.74 21.19 6.97
CA ASP B 114 -6.40 20.65 7.16
C ASP B 114 -6.41 19.14 7.30
N PHE B 115 -5.36 18.51 6.81
CA PHE B 115 -5.10 17.10 7.04
C PHE B 115 -3.76 16.70 6.50
N LYS B 116 -3.18 15.68 7.13
N LYS B 116 -3.19 15.67 7.12
CA LYS B 116 -1.99 15.01 6.63
CA LYS B 116 -1.99 15.00 6.64
C LYS B 116 -2.53 13.68 6.05
C LYS B 116 -2.52 13.67 6.06
N LEU B 117 -1.90 13.19 4.99
CA LEU B 117 -2.36 11.97 4.35
C LEU B 117 -2.59 10.80 5.33
N GLU B 118 -1.68 10.65 6.29
CA GLU B 118 -1.78 9.55 7.22
C GLU B 118 -2.92 9.72 8.22
N GLU B 119 -3.44 10.92 8.38
CA GLU B 119 -4.55 11.13 9.28
C GLU B 119 -5.88 10.66 8.67
N LEU B 120 -5.97 10.65 7.34
CA LEU B 120 -7.21 10.26 6.66
C LEU B 120 -7.15 8.88 6.01
N THR B 121 -5.93 8.38 5.78
CA THR B 121 -5.79 7.06 5.13
C THR B 121 -4.94 6.09 5.91
N LYS B 122 -4.33 6.54 7.00
N LYS B 122 -4.34 6.55 7.01
CA LYS B 122 -3.47 5.67 7.78
CA LYS B 122 -3.47 5.70 7.81
C LYS B 122 -2.25 5.18 6.96
C LYS B 122 -2.17 5.32 7.05
N GLU B 123 -1.97 5.86 5.84
CA GLU B 123 -0.75 5.59 5.05
C GLU B 123 -0.03 6.93 4.83
N LYS B 124 1.31 6.91 4.83
N LYS B 124 1.30 6.91 4.82
CA LYS B 124 2.13 8.12 4.69
CA LYS B 124 2.10 8.16 4.68
C LYS B 124 2.55 8.45 3.24
C LYS B 124 2.41 8.53 3.23
N SER B 125 2.13 7.65 2.27
CA SER B 125 2.42 7.95 0.88
C SER B 125 1.38 7.22 -0.01
N VAL B 126 1.13 7.79 -1.19
CA VAL B 126 0.19 7.21 -2.15
C VAL B 126 0.80 5.88 -2.64
N PRO B 127 0.06 4.78 -2.55
CA PRO B 127 0.65 3.53 -3.04
C PRO B 127 0.88 3.49 -4.54
N PRO B 128 1.88 2.72 -4.98
CA PRO B 128 1.98 2.46 -6.40
C PRO B 128 0.66 1.92 -6.94
N GLY B 129 0.31 2.29 -8.17
CA GLY B 129 -0.93 1.81 -8.79
C GLY B 129 -2.21 2.53 -8.31
N TYR B 130 -2.06 3.52 -7.45
CA TYR B 130 -3.16 4.30 -6.89
C TYR B 130 -2.91 5.79 -7.05
N ILE B 131 -4.01 6.54 -6.86
CA ILE B 131 -4.01 7.99 -6.90
C ILE B 131 -4.83 8.54 -5.75
N PHE B 132 -4.53 9.77 -5.32
CA PHE B 132 -5.29 10.42 -4.26
C PHE B 132 -6.01 11.57 -4.94
N VAL B 133 -7.32 11.49 -5.01
CA VAL B 133 -8.10 12.48 -5.74
C VAL B 133 -8.95 13.36 -4.82
N VAL B 134 -9.15 14.58 -5.24
CA VAL B 134 -9.92 15.55 -4.47
C VAL B 134 -10.75 16.36 -5.47
N GLY B 135 -12.00 16.64 -5.13
CA GLY B 135 -12.87 17.44 -5.97
C GLY B 135 -12.60 18.93 -5.82
N ASP B 136 -12.74 19.69 -6.91
CA ASP B 136 -12.44 21.12 -6.84
C ASP B 136 -13.41 21.83 -5.89
N ASN B 137 -14.67 21.38 -5.88
N ASN B 137 -14.66 21.37 -5.88
CA ASN B 137 -15.69 21.94 -4.98
CA ASN B 137 -15.67 21.90 -4.99
C ASN B 137 -15.49 21.31 -3.59
C ASN B 137 -15.45 21.26 -3.63
N ARG B 138 -14.37 21.66 -2.98
CA ARG B 138 -13.89 21.02 -1.74
C ARG B 138 -14.89 20.80 -0.61
N LEU B 139 -15.70 21.81 -0.36
CA LEU B 139 -16.61 21.72 0.74
C LEU B 139 -17.81 20.84 0.45
N GLY B 140 -18.05 20.52 -0.82
CA GLY B 140 -19.19 19.68 -1.20
C GLY B 140 -18.77 18.40 -1.91
N SER B 141 -17.51 18.04 -1.83
CA SER B 141 -16.98 16.87 -2.57
C SER B 141 -16.64 15.67 -1.72
N TRP B 142 -17.21 14.49 -2.07
CA TRP B 142 -16.81 13.21 -1.50
C TRP B 142 -15.63 12.77 -2.33
N ASP B 143 -14.46 12.53 -1.72
CA ASP B 143 -13.33 12.16 -2.50
C ASP B 143 -12.38 11.30 -1.67
N SER B 144 -11.10 11.26 -2.07
CA SER B 144 -10.16 10.40 -1.35
C SER B 144 -9.99 10.76 0.11
N ARG B 145 -10.31 11.98 0.47
CA ARG B 145 -10.28 12.38 1.86
C ARG B 145 -11.28 11.56 2.71
N HIS B 146 -12.29 10.99 2.06
CA HIS B 146 -13.38 10.26 2.72
C HIS B 146 -13.34 8.78 2.45
N PHE B 147 -13.01 8.43 1.21
CA PHE B 147 -13.02 7.02 0.80
C PHE B 147 -11.66 6.44 0.45
N GLY B 148 -10.60 7.23 0.60
CA GLY B 148 -9.26 6.68 0.40
C GLY B 148 -8.76 6.70 -1.03
N PHE B 149 -7.68 5.97 -1.25
CA PHE B 149 -7.01 5.95 -2.53
C PHE B 149 -7.86 5.27 -3.60
N VAL B 150 -7.73 5.77 -4.82
CA VAL B 150 -8.44 5.23 -5.96
C VAL B 150 -7.45 4.44 -6.80
N LYS B 151 -7.81 3.21 -7.14
CA LYS B 151 -6.94 2.38 -7.94
C LYS B 151 -6.88 2.91 -9.36
N ALA B 152 -5.68 3.08 -9.90
CA ALA B 152 -5.52 3.77 -11.17
C ALA B 152 -6.17 3.03 -12.31
N ASP B 153 -6.19 1.71 -12.25
CA ASP B 153 -6.80 0.97 -13.34
C ASP B 153 -8.34 1.04 -13.35
N THR B 154 -8.95 1.75 -12.41
CA THR B 154 -10.39 1.99 -12.43
C THR B 154 -10.71 3.32 -13.11
N VAL B 155 -9.68 4.09 -13.42
CA VAL B 155 -9.91 5.35 -14.11
C VAL B 155 -10.31 5.07 -15.57
N VAL B 156 -11.49 5.53 -15.94
CA VAL B 156 -11.93 5.24 -17.28
C VAL B 156 -11.42 6.24 -18.27
N GLY B 157 -11.09 7.44 -17.83
CA GLY B 157 -10.52 8.42 -18.74
C GLY B 157 -10.12 9.69 -18.04
N LYS B 158 -9.33 10.53 -18.71
CA LYS B 158 -8.98 11.82 -18.17
C LYS B 158 -9.80 12.83 -18.98
N VAL B 159 -10.17 13.91 -18.31
CA VAL B 159 -10.97 14.93 -18.94
C VAL B 159 -10.10 15.96 -19.67
N ASP B 160 -10.30 16.14 -20.98
N ASP B 160 -10.36 16.14 -20.98
CA ASP B 160 -9.57 17.16 -21.72
CA ASP B 160 -9.68 17.15 -21.80
C ASP B 160 -10.35 18.44 -21.56
C ASP B 160 -10.41 18.45 -21.54
N LEU B 161 -9.79 19.32 -20.74
CA LEU B 161 -10.42 20.56 -20.34
C LEU B 161 -10.46 21.57 -21.48
N ARG B 162 -11.64 21.71 -22.10
CA ARG B 162 -11.87 22.63 -23.22
C ARG B 162 -11.35 24.03 -22.87
O1 PG4 C . 10.57 -19.43 -4.43
C1 PG4 C . 11.12 -18.30 -5.13
C2 PG4 C . 12.61 -18.43 -5.39
O2 PG4 C . 13.39 -18.24 -4.22
C3 PG4 C . 14.77 -18.19 -4.50
C4 PG4 C . 15.59 -18.32 -3.24
O3 PG4 C . 15.30 -19.54 -2.56
C5 PG4 C . 15.85 -19.54 -1.22
C6 PG4 C . 17.02 -20.53 -1.10
O4 PG4 C . 18.26 -19.82 -1.11
C7 PG4 C . 19.40 -20.64 -0.81
C8 PG4 C . 19.89 -21.35 -2.06
O5 PG4 C . 21.33 -21.37 -2.12
C1 PEG D . -0.09 -5.28 -15.53
O1 PEG D . -1.30 -5.47 -16.28
C2 PEG D . 0.40 -6.63 -15.06
O2 PEG D . 1.83 -6.67 -15.12
C3 PEG D . 2.39 -7.72 -15.92
C4 PEG D . 3.26 -7.09 -17.00
O4 PEG D . 3.04 -7.72 -18.26
C1 EDO E . 10.66 3.59 -5.44
O1 EDO E . 9.75 4.64 -5.05
C2 EDO E . 11.86 4.20 -6.17
O2 EDO E . 11.96 3.67 -7.51
O1 PG4 F . -12.76 13.66 7.83
C1 PG4 F . -13.14 13.27 6.52
C2 PG4 F . -12.52 14.30 5.60
O2 PG4 F . -13.34 15.47 5.54
C3 PG4 F . -12.66 16.52 4.81
C4 PG4 F . -13.62 17.67 4.55
O3 PG4 F . -14.64 17.22 3.66
C5 PG4 F . -15.48 18.26 3.22
C6 PG4 F . -16.47 17.71 2.24
O4 PG4 F . -17.25 16.73 2.91
C7 PG4 F . -18.04 16.05 1.92
C8 PG4 F . -19.17 15.34 2.64
O5 PG4 F . -20.16 16.32 2.95
O1 PG4 G . -35.35 -4.87 -11.76
C1 PG4 G . -35.15 -4.79 -10.35
C2 PG4 G . -34.91 -3.33 -9.99
O2 PG4 G . -34.06 -3.22 -8.85
C3 PG4 G . -34.52 -2.24 -7.92
C4 PG4 G . -33.82 -0.90 -8.11
O3 PG4 G . -33.41 -0.72 -9.47
C5 PG4 G . -32.29 0.17 -9.56
C6 PG4 G . -31.84 0.32 -11.00
O4 PG4 G . -30.60 -0.38 -11.20
C7 PG4 G . -30.49 -0.99 -12.48
C8 PG4 G . -29.46 -2.10 -12.44
O5 PG4 G . -29.93 -3.24 -13.18
C1 PEG H . -10.34 13.00 11.00
O1 PEG H . -11.17 13.37 9.88
C2 PEG H . -9.02 13.77 10.94
O2 PEG H . -9.26 15.10 10.49
C3 PEG H . -8.22 15.62 9.64
C4 PEG H . -6.95 15.86 10.44
O4 PEG H . -7.23 16.56 11.65
C1 EDO I . 7.22 9.90 1.64
O1 EDO I . 6.11 9.95 2.54
C2 EDO I . 7.01 10.79 0.42
O2 EDO I . 7.87 11.94 0.50
#